data_8FWL
#
_entry.id   8FWL
#
_cell.length_a   82.373
_cell.length_b   35.503
_cell.length_c   89.091
_cell.angle_alpha   90.00
_cell.angle_beta   92.63
_cell.angle_gamma   90.00
#
_symmetry.space_group_name_H-M   'P 1 2 1'
#
loop_
_entity.id
_entity.type
_entity.pdbx_description
1 polymer Phosphoprotein,Nucleoprotein
2 non-polymer DI(HYDROXYETHYL)ETHER
3 water water
#
_entity_poly.entity_id   1
_entity_poly.type   'polypeptide(L)'
_entity_poly.pdbx_seq_one_letter_code
;MHHHHHHSSGLVPRGSGMKETAAAKFERQHMDSPDLGTDDDDKAMADIGSENLYFQSMSKIFVNPSAIRAGMADLEMAEE
TVDLINRNIEDNQAHLQGEPIEVDSLPEDIENLYFQGMESDKIVFKVNNQLVSVKPEVIVDQYEYKYPAIQDHTKPSITL
GKAPDLNKAYKSILSGMNAAKLDPDDVCSYLAAAMELFEGVCPEDWTSYGIMIARKGDKITPATLVDIKRTDIEGNWALT
GGQDLTRDPTVAEHASLVGLLLSLYRLSKISGQNTGNYKTNIADRIEQIFETAPFAKIVEHHTLMTTHKMCANWSTIPNF
RFLAGTYDMFFSRVEHLYSAIRVGTVVTAYEDCSGLVSFTGFIKQINLTAREAILYFFHKNFEEEIRRMFEPGQETAVPH
SYFIHFRSLGLSGKSPYSSNAVGHVFNLIHFVGCYMGQIRSLNATVISTCAPHEMSVLGGYLGEEFFGKGTFERRFFRDE
KELQDYEAAESMKTDIALADDATVNSDDEDYFSGETRSPEAVYTRIMMNGGRLKRSHIRRYISVSSNHQSRPNSFAEFLN
KTYSSDS
;
_entity_poly.pdbx_strand_id   A
#
loop_
_chem_comp.id
_chem_comp.type
_chem_comp.name
_chem_comp.formula
PEG non-polymer DI(HYDROXYETHYL)ETHER 'C4 H10 O3'
#
# COMPACT_ATOMS: atom_id res chain seq x y z
N SER A 59 22.82 18.37 20.76
CA SER A 59 23.03 18.49 22.20
C SER A 59 22.22 17.41 22.94
N LYS A 60 21.12 17.81 23.58
CA LYS A 60 20.19 16.86 24.19
C LYS A 60 19.08 16.47 23.23
N ILE A 61 19.02 17.10 22.06
CA ILE A 61 18.06 16.74 21.04
C ILE A 61 18.73 16.03 19.86
N PHE A 62 19.97 16.38 19.53
CA PHE A 62 20.69 15.82 18.38
C PHE A 62 21.97 15.15 18.85
N VAL A 63 22.44 14.19 18.05
CA VAL A 63 23.60 13.37 18.39
C VAL A 63 24.60 13.43 17.25
N ASN A 64 25.87 13.31 17.58
CA ASN A 64 26.93 13.35 16.58
C ASN A 64 26.86 12.11 15.68
N PRO A 65 26.76 12.26 14.35
CA PRO A 65 26.68 11.08 13.49
C PRO A 65 27.81 10.08 13.68
N SER A 66 28.94 10.51 14.25
CA SER A 66 30.03 9.57 14.51
C SER A 66 29.61 8.52 15.53
N ALA A 67 28.72 8.87 16.46
CA ALA A 67 28.20 7.90 17.41
C ALA A 67 27.17 6.99 16.75
N ILE A 68 26.30 7.54 15.90
CA ILE A 68 25.33 6.71 15.18
C ILE A 68 26.08 5.68 14.33
N ARG A 69 27.24 6.06 13.78
CA ARG A 69 28.02 5.15 12.97
C ARG A 69 28.46 3.93 13.77
N ALA A 70 28.57 4.08 15.09
CA ALA A 70 28.96 3.00 15.99
C ALA A 70 27.75 2.65 16.87
N GLY A 71 26.98 1.66 16.44
CA GLY A 71 25.78 1.27 17.14
C GLY A 71 24.63 0.93 16.21
N MET A 72 24.73 1.38 14.96
CA MET A 72 23.76 1.04 13.93
C MET A 72 24.27 -0.05 13.00
N ALA A 73 25.41 -0.67 13.32
CA ALA A 73 25.90 -1.81 12.55
C ALA A 73 25.18 -3.10 12.91
N ASP A 74 24.34 -3.09 13.95
CA ASP A 74 23.54 -4.26 14.30
C ASP A 74 22.34 -4.44 13.37
N LEU A 75 21.92 -3.39 12.68
CA LEU A 75 20.79 -3.46 11.77
C LEU A 75 20.96 -4.61 10.79
N GLU A 76 19.89 -5.36 10.56
CA GLU A 76 19.93 -6.62 9.81
C GLU A 76 19.17 -6.48 8.50
N MET A 77 19.77 -6.95 7.41
CA MET A 77 19.13 -7.03 6.09
C MET A 77 18.49 -5.71 5.70
N ALA A 78 19.02 -4.60 6.21
CA ALA A 78 18.44 -3.29 5.87
C ALA A 78 18.60 -2.99 4.39
N GLU A 79 19.80 -3.25 3.83
CA GLU A 79 20.02 -3.00 2.41
C GLU A 79 19.09 -3.85 1.55
N GLU A 80 19.02 -5.16 1.85
CA GLU A 80 18.17 -6.04 1.05
C GLU A 80 16.71 -5.62 1.13
N THR A 81 16.28 -5.13 2.29
CA THR A 81 14.88 -4.69 2.45
C THR A 81 14.60 -3.46 1.59
N VAL A 82 15.48 -2.46 1.65
CA VAL A 82 15.30 -1.27 0.83
C VAL A 82 15.23 -1.64 -0.64
N ASP A 83 16.14 -2.51 -1.10
CA ASP A 83 16.15 -2.90 -2.50
C ASP A 83 14.85 -3.61 -2.89
N LEU A 84 14.43 -4.60 -2.11
CA LEU A 84 13.23 -5.35 -2.47
C LEU A 84 11.99 -4.46 -2.48
N ILE A 85 11.83 -3.63 -1.45
CA ILE A 85 10.63 -2.81 -1.39
C ILE A 85 10.62 -1.80 -2.52
N ASN A 86 11.76 -1.14 -2.78
CA ASN A 86 11.78 -0.14 -3.84
C ASN A 86 11.55 -0.80 -5.21
N ARG A 87 12.08 -2.01 -5.42
CA ARG A 87 11.84 -2.69 -6.69
C ARG A 87 10.39 -3.10 -6.83
N ASN A 88 9.79 -3.61 -5.76
CA ASN A 88 8.37 -3.97 -5.80
C ASN A 88 7.49 -2.76 -6.07
N ILE A 89 7.81 -1.62 -5.43
CA ILE A 89 7.03 -0.41 -5.68
C ILE A 89 7.15 -0.02 -7.15
N GLU A 90 8.37 -0.11 -7.71
N GLU A 90 8.37 -0.12 -7.72
CA GLU A 90 8.59 0.22 -9.11
CA GLU A 90 8.54 0.25 -9.12
C GLU A 90 7.74 -0.66 -10.02
C GLU A 90 7.73 -0.66 -10.03
N ASP A 91 7.77 -1.98 -9.77
CA ASP A 91 6.99 -2.90 -10.60
C ASP A 91 5.50 -2.63 -10.46
N ASN A 92 5.05 -2.26 -9.26
CA ASN A 92 3.63 -1.99 -9.05
C ASN A 92 3.14 -0.79 -9.86
N GLN A 93 4.04 0.07 -10.33
CA GLN A 93 3.61 1.24 -11.09
C GLN A 93 2.92 0.86 -12.39
N ALA A 94 3.31 -0.25 -13.01
CA ALA A 94 2.66 -0.69 -14.24
C ALA A 94 1.18 -0.93 -14.03
N HIS A 95 0.81 -1.43 -12.85
CA HIS A 95 -0.60 -1.67 -12.54
C HIS A 95 -1.29 -0.43 -12.00
N LEU A 96 -0.57 0.43 -11.26
CA LEU A 96 -1.18 1.66 -10.77
C LEU A 96 -1.44 2.65 -11.91
N GLN A 97 -0.57 2.66 -12.91
CA GLN A 97 -0.75 3.51 -14.09
C GLN A 97 0.25 3.14 -15.18
N GLU A 144 2.62 -2.57 22.17
CA GLU A 144 1.41 -2.05 21.54
C GLU A 144 1.38 -2.37 20.04
N TYR A 145 2.48 -2.12 19.33
CA TYR A 145 2.54 -2.48 17.92
C TYR A 145 2.71 -4.00 17.78
N LYS A 146 2.04 -4.56 16.77
CA LYS A 146 2.01 -6.01 16.56
C LYS A 146 2.73 -6.35 15.27
N TYR A 147 3.82 -7.09 15.38
CA TYR A 147 4.54 -7.49 14.20
C TYR A 147 3.78 -8.61 13.47
N PRO A 148 3.91 -8.67 12.14
CA PRO A 148 3.02 -9.55 11.37
C PRO A 148 3.45 -11.01 11.30
N ALA A 149 4.68 -11.36 11.69
CA ALA A 149 5.17 -12.70 11.41
C ALA A 149 4.24 -13.75 12.00
N ILE A 150 3.76 -14.67 11.16
CA ILE A 150 2.92 -15.75 11.63
C ILE A 150 3.77 -16.71 12.46
N GLN A 151 3.30 -17.03 13.67
CA GLN A 151 4.06 -17.86 14.59
C GLN A 151 3.50 -19.27 14.76
N ASP A 152 2.31 -19.56 14.23
CA ASP A 152 1.64 -20.83 14.51
C ASP A 152 1.45 -21.70 13.27
N HIS A 153 2.06 -21.33 12.15
CA HIS A 153 2.06 -22.15 10.94
C HIS A 153 0.66 -22.33 10.37
N THR A 154 -0.23 -21.38 10.61
CA THR A 154 -1.56 -21.38 10.01
C THR A 154 -1.65 -20.24 9.01
N LYS A 155 -2.33 -20.50 7.90
CA LYS A 155 -2.50 -19.47 6.89
C LYS A 155 -3.51 -18.43 7.38
N PRO A 156 -3.44 -17.22 6.83
CA PRO A 156 -4.52 -16.25 7.09
C PRO A 156 -5.86 -16.83 6.67
N SER A 157 -6.92 -16.38 7.34
CA SER A 157 -8.24 -16.97 7.15
C SER A 157 -9.34 -15.93 7.33
N ILE A 158 -10.46 -16.17 6.65
CA ILE A 158 -11.73 -15.48 6.89
C ILE A 158 -12.84 -16.51 6.85
N THR A 159 -14.05 -16.07 7.20
CA THR A 159 -15.24 -16.90 7.12
C THR A 159 -16.29 -16.24 6.23
N LEU A 160 -16.87 -17.02 5.33
CA LEU A 160 -17.90 -16.58 4.40
C LEU A 160 -19.08 -17.54 4.50
N GLY A 161 -20.11 -17.29 3.70
CA GLY A 161 -21.26 -18.15 3.65
C GLY A 161 -21.03 -19.35 2.74
N LYS A 162 -22.11 -20.07 2.47
CA LYS A 162 -22.02 -21.32 1.73
C LYS A 162 -21.64 -21.08 0.28
N ALA A 163 -20.83 -21.98 -0.27
CA ALA A 163 -20.30 -21.81 -1.61
C ALA A 163 -21.44 -21.83 -2.63
N PRO A 164 -21.47 -20.88 -3.57
CA PRO A 164 -22.52 -20.87 -4.58
C PRO A 164 -22.10 -21.59 -5.86
N ASP A 165 -23.10 -21.91 -6.66
CA ASP A 165 -22.85 -22.30 -8.04
C ASP A 165 -22.30 -21.07 -8.78
N LEU A 166 -21.17 -21.24 -9.45
CA LEU A 166 -20.48 -20.09 -10.02
C LEU A 166 -21.29 -19.41 -11.10
N ASN A 167 -21.93 -20.19 -11.98
CA ASN A 167 -22.71 -19.60 -13.06
C ASN A 167 -23.90 -18.82 -12.51
N LYS A 168 -24.59 -19.37 -11.51
CA LYS A 168 -25.70 -18.65 -10.89
C LYS A 168 -25.20 -17.42 -10.16
N ALA A 169 -24.05 -17.53 -9.48
CA ALA A 169 -23.52 -16.38 -8.76
C ALA A 169 -23.13 -15.27 -9.72
N TYR A 170 -22.47 -15.62 -10.83
CA TYR A 170 -22.11 -14.65 -11.85
C TYR A 170 -23.33 -13.88 -12.32
N LYS A 171 -24.41 -14.60 -12.66
CA LYS A 171 -25.58 -13.95 -13.20
C LYS A 171 -26.23 -13.02 -12.19
N SER A 172 -26.26 -13.43 -10.93
CA SER A 172 -26.84 -12.57 -9.89
C SER A 172 -26.01 -11.31 -9.70
N ILE A 173 -24.69 -11.44 -9.65
CA ILE A 173 -23.84 -10.29 -9.40
C ILE A 173 -23.82 -9.36 -10.60
N LEU A 174 -23.68 -9.91 -11.81
CA LEU A 174 -23.69 -9.06 -13.00
C LEU A 174 -24.97 -8.24 -13.09
N SER A 175 -26.09 -8.82 -12.64
CA SER A 175 -27.34 -8.06 -12.60
C SER A 175 -27.28 -6.98 -11.52
N GLY A 176 -26.68 -7.29 -10.37
CA GLY A 176 -26.49 -6.27 -9.36
C GLY A 176 -25.56 -5.18 -9.83
N MET A 177 -24.51 -5.56 -10.56
N MET A 177 -24.50 -5.55 -10.55
CA MET A 177 -23.57 -4.56 -11.06
CA MET A 177 -23.55 -4.57 -11.07
C MET A 177 -24.24 -3.58 -12.00
C MET A 177 -24.25 -3.58 -11.99
N ASN A 178 -25.15 -4.07 -12.85
CA ASN A 178 -25.84 -3.18 -13.79
C ASN A 178 -26.89 -2.33 -13.09
N ALA A 179 -27.44 -2.81 -11.99
CA ALA A 179 -28.44 -2.05 -11.24
C ALA A 179 -27.84 -1.23 -10.12
N ALA A 180 -26.51 -1.23 -9.97
CA ALA A 180 -25.85 -0.48 -8.90
C ALA A 180 -26.36 -0.92 -7.53
N LYS A 181 -26.66 -2.21 -7.39
CA LYS A 181 -27.02 -2.79 -6.10
C LYS A 181 -26.28 -4.12 -5.97
N LEU A 182 -25.16 -4.09 -5.29
CA LEU A 182 -24.38 -5.28 -5.00
C LEU A 182 -24.49 -5.61 -3.52
N ASP A 183 -24.63 -6.90 -3.22
CA ASP A 183 -24.59 -7.38 -1.85
C ASP A 183 -23.15 -7.75 -1.54
N PRO A 184 -22.48 -7.07 -0.61
CA PRO A 184 -21.05 -7.36 -0.39
C PRO A 184 -20.77 -8.77 0.12
N ASP A 185 -21.69 -9.36 0.89
CA ASP A 185 -21.48 -10.75 1.31
C ASP A 185 -21.49 -11.70 0.12
N ASP A 186 -22.43 -11.50 -0.82
CA ASP A 186 -22.46 -12.32 -2.03
C ASP A 186 -21.22 -12.11 -2.88
N VAL A 187 -20.78 -10.86 -3.01
CA VAL A 187 -19.61 -10.57 -3.83
C VAL A 187 -18.38 -11.25 -3.28
N CYS A 188 -18.17 -11.19 -1.95
CA CYS A 188 -17.04 -11.90 -1.37
C CYS A 188 -17.17 -13.40 -1.59
N SER A 189 -18.36 -13.95 -1.38
CA SER A 189 -18.55 -15.38 -1.58
C SER A 189 -18.21 -15.79 -3.01
N TYR A 190 -18.65 -15.00 -3.98
CA TYR A 190 -18.34 -15.27 -5.38
C TYR A 190 -16.85 -15.12 -5.66
N LEU A 191 -16.25 -14.05 -5.16
CA LEU A 191 -14.82 -13.84 -5.40
C LEU A 191 -13.98 -15.00 -4.86
N ALA A 192 -14.36 -15.53 -3.70
CA ALA A 192 -13.60 -16.65 -3.14
C ALA A 192 -13.82 -17.91 -3.97
N ALA A 193 -15.06 -18.17 -4.41
CA ALA A 193 -15.33 -19.34 -5.24
C ALA A 193 -14.70 -19.21 -6.62
N ALA A 194 -14.60 -17.99 -7.15
CA ALA A 194 -13.99 -17.80 -8.46
C ALA A 194 -12.50 -18.07 -8.47
N MET A 195 -11.86 -18.16 -7.29
CA MET A 195 -10.41 -18.38 -7.25
C MET A 195 -10.01 -19.63 -8.01
N GLU A 196 -10.86 -20.65 -8.02
CA GLU A 196 -10.51 -21.90 -8.68
C GLU A 196 -10.32 -21.73 -10.18
N LEU A 197 -10.83 -20.64 -10.75
CA LEU A 197 -10.66 -20.37 -12.17
C LEU A 197 -9.28 -19.83 -12.51
N PHE A 198 -8.51 -19.40 -11.52
CA PHE A 198 -7.21 -18.78 -11.76
C PHE A 198 -6.15 -19.75 -11.28
N GLU A 199 -5.88 -20.75 -12.11
CA GLU A 199 -4.96 -21.80 -11.80
C GLU A 199 -3.66 -21.60 -12.57
N GLY A 200 -2.54 -21.76 -11.88
CA GLY A 200 -1.24 -21.73 -12.50
C GLY A 200 -0.33 -22.76 -11.86
N VAL A 201 0.93 -22.76 -12.28
CA VAL A 201 1.95 -23.64 -11.75
C VAL A 201 2.89 -22.79 -10.91
N CYS A 202 3.18 -23.24 -9.69
CA CYS A 202 4.10 -22.49 -8.86
C CYS A 202 5.49 -22.58 -9.48
N PRO A 203 6.14 -21.46 -9.78
CA PRO A 203 7.44 -21.53 -10.49
C PRO A 203 8.57 -22.00 -9.60
N GLU A 204 8.48 -21.83 -8.29
CA GLU A 204 9.53 -22.24 -7.37
C GLU A 204 8.89 -22.56 -6.04
N ASP A 205 9.63 -23.26 -5.18
CA ASP A 205 9.15 -23.47 -3.82
C ASP A 205 8.73 -22.14 -3.21
N TRP A 206 7.57 -22.14 -2.57
CA TRP A 206 6.99 -20.90 -2.03
C TRP A 206 6.70 -21.12 -0.55
N THR A 207 7.55 -20.54 0.31
CA THR A 207 7.40 -20.62 1.75
C THR A 207 7.46 -19.22 2.35
N SER A 208 6.60 -18.97 3.32
CA SER A 208 6.61 -17.69 4.04
C SER A 208 6.15 -17.93 5.47
N TYR A 209 6.90 -17.39 6.42
CA TYR A 209 6.59 -17.52 7.84
C TYR A 209 6.38 -18.98 8.23
N GLY A 210 7.27 -19.85 7.75
CA GLY A 210 7.21 -21.26 8.05
C GLY A 210 6.09 -22.03 7.39
N ILE A 211 5.27 -21.38 6.58
CA ILE A 211 4.15 -22.03 5.88
C ILE A 211 4.59 -22.36 4.46
N MET A 212 4.54 -23.64 4.08
N MET A 212 4.55 -23.64 4.10
CA MET A 212 4.86 -24.03 2.72
CA MET A 212 4.83 -24.05 2.73
C MET A 212 3.60 -23.86 1.88
C MET A 212 3.55 -23.82 1.93
N ILE A 213 3.52 -22.73 1.17
CA ILE A 213 2.35 -22.46 0.33
C ILE A 213 2.26 -23.49 -0.77
N ALA A 214 3.38 -23.75 -1.44
CA ALA A 214 3.39 -24.69 -2.56
C ALA A 214 4.84 -25.05 -2.86
N ARG A 215 5.02 -26.22 -3.45
CA ARG A 215 6.29 -26.66 -3.97
C ARG A 215 6.36 -26.39 -5.47
N LYS A 216 7.58 -26.28 -5.98
CA LYS A 216 7.79 -26.07 -7.41
C LYS A 216 7.00 -27.10 -8.23
N GLY A 217 6.26 -26.60 -9.20
CA GLY A 217 5.48 -27.45 -10.08
C GLY A 217 4.07 -27.73 -9.59
N ASP A 218 3.75 -27.42 -8.33
CA ASP A 218 2.40 -27.60 -7.83
C ASP A 218 1.43 -26.71 -8.59
N LYS A 219 0.28 -27.26 -8.95
CA LYS A 219 -0.83 -26.44 -9.41
C LYS A 219 -1.36 -25.64 -8.23
N ILE A 220 -1.56 -24.34 -8.42
CA ILE A 220 -1.97 -23.45 -7.33
C ILE A 220 -2.98 -22.44 -7.85
N THR A 221 -3.80 -21.95 -6.94
CA THR A 221 -4.74 -20.86 -7.18
C THR A 221 -4.60 -19.90 -6.01
N PRO A 222 -5.28 -18.75 -6.05
CA PRO A 222 -5.24 -17.85 -4.89
C PRO A 222 -5.71 -18.52 -3.62
N ALA A 223 -6.60 -19.52 -3.72
CA ALA A 223 -7.13 -20.20 -2.54
C ALA A 223 -6.05 -20.99 -1.81
N THR A 224 -4.96 -21.33 -2.48
CA THR A 224 -3.85 -22.03 -1.84
C THR A 224 -3.19 -21.19 -0.76
N LEU A 225 -3.29 -19.87 -0.86
CA LEU A 225 -2.57 -18.98 0.05
C LEU A 225 -3.27 -18.78 1.39
N VAL A 226 -4.56 -19.10 1.49
CA VAL A 226 -5.39 -18.73 2.63
C VAL A 226 -6.34 -19.87 2.96
N ASP A 227 -6.90 -19.83 4.18
CA ASP A 227 -7.96 -20.75 4.62
C ASP A 227 -9.28 -19.98 4.65
N ILE A 228 -10.17 -20.28 3.72
CA ILE A 228 -11.46 -19.60 3.63
C ILE A 228 -12.50 -20.56 4.19
N LYS A 229 -12.90 -20.35 5.43
CA LYS A 229 -13.94 -21.16 6.04
C LYS A 229 -15.30 -20.70 5.53
N ARG A 230 -16.24 -21.63 5.48
CA ARG A 230 -17.59 -21.31 5.02
C ARG A 230 -18.61 -21.91 5.97
N THR A 231 -19.65 -21.12 6.26
CA THR A 231 -20.79 -21.63 7.00
C THR A 231 -21.70 -22.40 6.05
N ASP A 232 -22.85 -22.84 6.56
CA ASP A 232 -23.85 -23.51 5.76
C ASP A 232 -25.01 -22.59 5.39
N ILE A 233 -24.83 -21.27 5.53
CA ILE A 233 -25.88 -20.30 5.24
C ILE A 233 -25.77 -19.89 3.77
N GLU A 234 -26.82 -20.13 3.01
CA GLU A 234 -26.84 -19.73 1.61
C GLU A 234 -26.82 -18.22 1.49
N GLY A 235 -26.08 -17.73 0.49
CA GLY A 235 -26.14 -16.34 0.12
C GLY A 235 -27.52 -15.98 -0.40
N ASN A 236 -27.66 -14.72 -0.80
CA ASN A 236 -28.96 -14.23 -1.25
C ASN A 236 -29.19 -14.46 -2.74
N TRP A 237 -28.24 -14.04 -3.58
CA TRP A 237 -28.26 -14.40 -5.01
C TRP A 237 -29.54 -13.93 -5.69
N ALA A 238 -29.94 -12.70 -5.39
CA ALA A 238 -31.10 -12.11 -6.05
C ALA A 238 -30.72 -11.60 -7.44
N LEU A 239 -31.65 -11.74 -8.38
CA LEU A 239 -31.47 -11.24 -9.74
C LEU A 239 -32.63 -10.33 -10.10
N THR A 240 -32.32 -9.21 -10.76
CA THR A 240 -33.31 -8.27 -11.24
C THR A 240 -33.25 -8.21 -12.77
N GLY A 241 -33.97 -7.25 -13.35
CA GLY A 241 -34.01 -7.11 -14.79
C GLY A 241 -34.56 -8.31 -15.51
N GLY A 242 -35.51 -9.02 -14.89
CA GLY A 242 -36.07 -10.22 -15.50
C GLY A 242 -35.28 -11.46 -15.15
N GLN A 243 -35.98 -12.56 -14.90
CA GLN A 243 -35.35 -13.83 -14.53
C GLN A 243 -35.22 -14.77 -15.72
N ASP A 244 -35.23 -14.23 -16.94
CA ASP A 244 -35.12 -15.08 -18.13
C ASP A 244 -33.77 -15.79 -18.15
N LEU A 245 -33.80 -17.07 -18.51
CA LEU A 245 -32.57 -17.85 -18.57
C LEU A 245 -31.59 -17.22 -19.56
N THR A 246 -30.31 -17.25 -19.19
CA THR A 246 -29.25 -16.67 -20.02
C THR A 246 -28.16 -17.71 -20.22
N ARG A 247 -27.37 -17.49 -21.27
CA ARG A 247 -26.23 -18.36 -21.56
C ARG A 247 -25.29 -18.40 -20.37
N ASP A 248 -24.63 -19.55 -20.19
CA ASP A 248 -23.64 -19.68 -19.13
C ASP A 248 -22.42 -18.81 -19.43
N PRO A 249 -21.81 -18.20 -18.42
CA PRO A 249 -20.63 -17.37 -18.66
C PRO A 249 -19.40 -18.22 -18.96
N THR A 250 -18.54 -17.69 -19.83
CA THR A 250 -17.24 -18.29 -20.07
C THR A 250 -16.26 -17.89 -18.97
N VAL A 251 -15.07 -18.50 -19.01
CA VAL A 251 -14.03 -18.16 -18.05
C VAL A 251 -13.61 -16.70 -18.23
N ALA A 252 -13.44 -16.26 -19.49
CA ALA A 252 -13.02 -14.89 -19.73
C ALA A 252 -14.02 -13.88 -19.17
N GLU A 253 -15.31 -14.22 -19.22
CA GLU A 253 -16.33 -13.36 -18.64
C GLU A 253 -16.24 -13.35 -17.11
N HIS A 254 -16.02 -14.52 -16.50
CA HIS A 254 -15.76 -14.58 -15.07
C HIS A 254 -14.57 -13.70 -14.70
N ALA A 255 -13.51 -13.75 -15.51
CA ALA A 255 -12.31 -12.98 -15.18
C ALA A 255 -12.60 -11.48 -15.21
N SER A 256 -13.47 -11.05 -16.13
CA SER A 256 -13.82 -9.64 -16.20
C SER A 256 -14.61 -9.23 -14.98
N LEU A 257 -15.57 -10.06 -14.55
CA LEU A 257 -16.37 -9.72 -13.39
C LEU A 257 -15.51 -9.70 -12.13
N VAL A 258 -14.65 -10.70 -11.97
CA VAL A 258 -13.72 -10.69 -10.83
C VAL A 258 -12.89 -9.41 -10.85
N GLY A 259 -12.35 -9.06 -12.00
CA GLY A 259 -11.52 -7.86 -12.09
C GLY A 259 -12.29 -6.59 -11.78
N LEU A 260 -13.51 -6.48 -12.31
CA LEU A 260 -14.32 -5.30 -12.05
C LEU A 260 -14.71 -5.20 -10.58
N LEU A 261 -15.12 -6.33 -9.98
CA LEU A 261 -15.51 -6.29 -8.58
C LEU A 261 -14.32 -5.91 -7.69
N LEU A 262 -13.17 -6.53 -7.93
CA LEU A 262 -11.99 -6.22 -7.12
C LEU A 262 -11.57 -4.77 -7.28
N SER A 263 -11.79 -4.18 -8.45
CA SER A 263 -11.42 -2.78 -8.65
C SER A 263 -12.26 -1.84 -7.79
N LEU A 264 -13.42 -2.29 -7.31
CA LEU A 264 -14.16 -1.48 -6.35
C LEU A 264 -13.39 -1.29 -5.04
N TYR A 265 -12.44 -2.17 -4.74
CA TYR A 265 -11.58 -1.93 -3.59
C TYR A 265 -10.71 -0.69 -3.82
N ARG A 266 -10.01 -0.66 -4.95
CA ARG A 266 -9.16 0.49 -5.24
C ARG A 266 -9.96 1.79 -5.34
N LEU A 267 -11.11 1.76 -6.02
CA LEU A 267 -11.90 2.97 -6.15
C LEU A 267 -12.40 3.45 -4.79
N SER A 268 -12.77 2.52 -3.92
CA SER A 268 -13.21 2.88 -2.58
C SER A 268 -12.09 3.54 -1.78
N LYS A 269 -10.86 3.04 -1.93
CA LYS A 269 -9.72 3.63 -1.22
C LYS A 269 -9.46 5.06 -1.67
N ILE A 270 -9.69 5.36 -2.94
CA ILE A 270 -9.55 6.73 -3.42
C ILE A 270 -10.68 7.56 -2.82
N SER A 271 -10.31 8.55 -2.02
CA SER A 271 -11.32 9.41 -1.40
C SER A 271 -10.65 10.70 -0.98
N GLY A 272 -11.48 11.74 -0.87
CA GLY A 272 -11.01 13.07 -0.55
C GLY A 272 -11.40 14.08 -1.62
N GLN A 273 -11.20 15.35 -1.29
CA GLN A 273 -11.52 16.43 -2.20
C GLN A 273 -10.47 16.51 -3.30
N ASN A 274 -10.93 16.90 -4.50
CA ASN A 274 -10.04 17.06 -5.66
C ASN A 274 -9.47 15.71 -6.11
N THR A 275 -10.27 14.65 -5.99
N THR A 275 -10.28 14.65 -6.02
CA THR A 275 -9.83 13.30 -6.32
CA THR A 275 -9.82 13.32 -6.34
C THR A 275 -10.75 12.58 -7.30
C THR A 275 -10.75 12.57 -7.29
N GLY A 276 -11.89 13.16 -7.66
CA GLY A 276 -12.85 12.45 -8.48
C GLY A 276 -12.56 12.52 -9.96
N ASN A 277 -11.86 13.55 -10.42
CA ASN A 277 -11.36 13.53 -11.79
C ASN A 277 -10.32 12.43 -11.94
N TYR A 278 -9.36 12.38 -11.00
CA TYR A 278 -8.43 11.26 -10.96
C TYR A 278 -9.18 9.93 -10.86
N LYS A 279 -10.21 9.89 -10.03
CA LYS A 279 -11.02 8.67 -9.91
C LYS A 279 -11.68 8.33 -11.25
N THR A 280 -12.12 9.34 -11.98
CA THR A 280 -12.76 9.10 -13.27
C THR A 280 -11.77 8.51 -14.27
N ASN A 281 -10.56 9.07 -14.32
CA ASN A 281 -9.55 8.51 -15.22
C ASN A 281 -9.22 7.07 -14.85
N ILE A 282 -9.09 6.78 -13.55
CA ILE A 282 -8.77 5.42 -13.13
C ILE A 282 -9.91 4.48 -13.50
N ALA A 283 -11.14 4.88 -13.21
CA ALA A 283 -12.28 4.02 -13.53
C ALA A 283 -12.33 3.72 -15.02
N ASP A 284 -12.08 4.74 -15.86
CA ASP A 284 -12.10 4.55 -17.30
C ASP A 284 -11.05 3.55 -17.76
N ARG A 285 -9.84 3.65 -17.21
CA ARG A 285 -8.77 2.74 -17.60
C ARG A 285 -9.07 1.32 -17.13
N ILE A 286 -9.67 1.17 -15.95
CA ILE A 286 -10.01 -0.16 -15.46
C ILE A 286 -11.03 -0.81 -16.37
N GLU A 287 -12.09 -0.07 -16.72
CA GLU A 287 -13.10 -0.60 -17.64
C GLU A 287 -12.46 -1.05 -18.95
N GLN A 288 -11.53 -0.25 -19.49
N GLN A 288 -11.53 -0.25 -19.49
CA GLN A 288 -10.92 -0.61 -20.78
CA GLN A 288 -10.91 -0.58 -20.77
C GLN A 288 -10.16 -1.92 -20.67
C GLN A 288 -10.15 -1.91 -20.67
N ILE A 289 -9.41 -2.11 -19.59
CA ILE A 289 -8.63 -3.34 -19.41
C ILE A 289 -9.54 -4.56 -19.46
N PHE A 290 -10.64 -4.52 -18.70
CA PHE A 290 -11.50 -5.67 -18.53
C PHE A 290 -12.56 -5.82 -19.63
N GLU A 291 -12.49 -5.00 -20.68
CA GLU A 291 -13.24 -5.25 -21.90
C GLU A 291 -12.31 -5.52 -23.08
N THR A 292 -11.01 -5.62 -22.82
CA THR A 292 -9.99 -5.91 -23.83
C THR A 292 -9.40 -7.29 -23.56
N ALA A 293 -9.22 -8.07 -24.63
CA ALA A 293 -8.64 -9.41 -24.54
C ALA A 293 -7.45 -9.39 -23.60
N PRO A 294 -7.22 -10.46 -22.83
CA PRO A 294 -7.93 -11.75 -22.80
C PRO A 294 -9.29 -11.66 -22.10
N PHE A 295 -9.65 -10.49 -21.57
CA PHE A 295 -10.93 -10.31 -20.90
C PHE A 295 -12.04 -10.09 -21.92
N ALA A 296 -13.29 -10.23 -21.46
CA ALA A 296 -14.46 -10.06 -22.30
C ALA A 296 -15.30 -8.89 -21.82
N LYS A 297 -15.89 -8.16 -22.77
CA LYS A 297 -16.80 -7.07 -22.41
C LYS A 297 -18.08 -7.65 -21.86
N ILE A 298 -18.37 -7.38 -20.59
CA ILE A 298 -19.60 -7.87 -19.96
C ILE A 298 -20.46 -6.73 -19.43
N VAL A 299 -19.98 -5.49 -19.46
CA VAL A 299 -20.74 -4.34 -19.02
C VAL A 299 -20.53 -3.21 -20.02
N GLU A 300 -21.49 -2.29 -20.05
CA GLU A 300 -21.38 -1.11 -20.89
C GLU A 300 -20.50 -0.06 -20.20
N HIS A 301 -19.99 0.87 -21.02
CA HIS A 301 -19.15 1.94 -20.50
C HIS A 301 -19.84 2.68 -19.38
N HIS A 302 -19.05 3.14 -18.40
CA HIS A 302 -19.45 3.99 -17.30
C HIS A 302 -20.22 3.21 -16.23
N THR A 303 -20.37 1.89 -16.39
CA THR A 303 -21.07 1.10 -15.39
C THR A 303 -20.29 1.02 -14.09
N LEU A 304 -18.95 0.91 -14.17
CA LEU A 304 -18.15 0.76 -12.96
C LEU A 304 -18.33 1.96 -12.04
N MET A 305 -18.23 3.19 -12.57
CA MET A 305 -18.35 4.37 -11.74
C MET A 305 -19.72 4.45 -11.07
N THR A 306 -20.78 4.16 -11.83
CA THR A 306 -22.12 4.15 -11.24
C THR A 306 -22.22 3.13 -10.11
N THR A 307 -21.58 1.98 -10.28
CA THR A 307 -21.61 0.97 -9.22
C THR A 307 -20.81 1.44 -7.99
N HIS A 308 -19.63 2.01 -8.24
CA HIS A 308 -18.78 2.46 -7.13
C HIS A 308 -19.50 3.48 -6.25
N LYS A 309 -20.39 4.28 -6.83
CA LYS A 309 -21.08 5.31 -6.04
C LYS A 309 -21.91 4.68 -4.93
N MET A 310 -22.33 3.43 -5.09
CA MET A 310 -23.09 2.72 -4.07
C MET A 310 -22.21 1.79 -3.24
N CYS A 311 -20.93 1.68 -3.56
CA CYS A 311 -20.00 0.77 -2.89
C CYS A 311 -18.79 1.51 -2.35
N ALA A 312 -18.94 2.80 -2.06
CA ALA A 312 -17.80 3.66 -1.78
C ALA A 312 -17.08 3.28 -0.49
N ASN A 313 -17.73 2.53 0.40
CA ASN A 313 -17.20 2.16 1.69
C ASN A 313 -16.57 0.77 1.71
N TRP A 314 -16.56 0.06 0.58
CA TRP A 314 -16.20 -1.35 0.59
C TRP A 314 -14.77 -1.61 1.01
N SER A 315 -13.87 -0.63 0.87
CA SER A 315 -12.51 -0.85 1.31
C SER A 315 -12.39 -1.02 2.82
N THR A 316 -13.45 -0.72 3.59
CA THR A 316 -13.45 -0.94 5.03
C THR A 316 -14.17 -2.23 5.43
N ILE A 317 -14.54 -3.07 4.46
CA ILE A 317 -15.10 -4.39 4.74
C ILE A 317 -13.94 -5.39 4.82
N PRO A 318 -13.63 -5.94 6.00
CA PRO A 318 -12.40 -6.75 6.13
C PRO A 318 -12.33 -7.95 5.19
N ASN A 319 -13.43 -8.68 5.00
CA ASN A 319 -13.36 -9.85 4.12
C ASN A 319 -13.05 -9.43 2.67
N PHE A 320 -13.61 -8.31 2.24
CA PHE A 320 -13.36 -7.83 0.88
C PHE A 320 -11.90 -7.42 0.70
N ARG A 321 -11.39 -6.62 1.64
CA ARG A 321 -9.97 -6.28 1.66
C ARG A 321 -9.10 -7.53 1.65
N PHE A 322 -9.47 -8.52 2.47
CA PHE A 322 -8.72 -9.77 2.52
C PHE A 322 -8.66 -10.43 1.16
N LEU A 323 -9.80 -10.49 0.46
CA LEU A 323 -9.82 -11.13 -0.85
C LEU A 323 -8.98 -10.36 -1.86
N ALA A 324 -9.02 -9.03 -1.80
CA ALA A 324 -8.18 -8.24 -2.70
C ALA A 324 -6.70 -8.54 -2.47
N GLY A 325 -6.28 -8.62 -1.20
CA GLY A 325 -4.90 -8.95 -0.91
C GLY A 325 -4.51 -10.35 -1.34
N THR A 326 -5.44 -11.30 -1.24
CA THR A 326 -5.12 -12.66 -1.65
C THR A 326 -4.87 -12.75 -3.14
N TYR A 327 -5.75 -12.16 -3.94
CA TYR A 327 -5.55 -12.13 -5.38
C TYR A 327 -4.26 -11.41 -5.74
N ASP A 328 -3.98 -10.30 -5.07
CA ASP A 328 -2.76 -9.55 -5.38
C ASP A 328 -1.53 -10.36 -5.06
N MET A 329 -1.51 -11.02 -3.90
CA MET A 329 -0.37 -11.86 -3.56
C MET A 329 -0.19 -12.97 -4.58
N PHE A 330 -1.29 -13.56 -5.04
CA PHE A 330 -1.20 -14.66 -6.01
C PHE A 330 -0.65 -14.17 -7.34
N PHE A 331 -1.20 -13.08 -7.87
CA PHE A 331 -0.77 -12.59 -9.18
C PHE A 331 0.61 -11.94 -9.12
N SER A 332 1.08 -11.55 -7.93
CA SER A 332 2.45 -11.06 -7.83
C SER A 332 3.46 -12.18 -8.07
N ARG A 333 3.15 -13.39 -7.62
CA ARG A 333 4.08 -14.53 -7.72
C ARG A 333 3.86 -15.32 -9.01
N VAL A 334 2.62 -15.49 -9.43
CA VAL A 334 2.26 -16.39 -10.51
C VAL A 334 1.84 -15.55 -11.71
N GLU A 335 2.69 -15.53 -12.73
CA GLU A 335 2.32 -14.89 -13.99
C GLU A 335 1.13 -15.63 -14.59
N HIS A 336 0.10 -14.89 -14.95
CA HIS A 336 -1.16 -15.49 -15.35
C HIS A 336 -1.78 -14.69 -16.48
N LEU A 337 -2.56 -15.39 -17.31
CA LEU A 337 -3.26 -14.73 -18.41
C LEU A 337 -4.05 -13.52 -17.93
N TYR A 338 -4.70 -13.63 -16.77
CA TYR A 338 -5.56 -12.58 -16.25
C TYR A 338 -4.89 -11.73 -15.17
N SER A 339 -3.55 -11.66 -15.18
CA SER A 339 -2.80 -10.93 -14.17
C SER A 339 -3.16 -9.45 -14.10
N ALA A 340 -3.73 -8.88 -15.17
CA ALA A 340 -4.06 -7.46 -15.15
C ALA A 340 -5.09 -7.13 -14.09
N ILE A 341 -5.72 -8.14 -13.49
CA ILE A 341 -6.64 -7.93 -12.38
C ILE A 341 -5.95 -7.14 -11.28
N ARG A 342 -4.62 -7.15 -11.25
CA ARG A 342 -3.91 -6.38 -10.23
C ARG A 342 -4.11 -4.88 -10.35
N VAL A 343 -4.69 -4.37 -11.46
CA VAL A 343 -4.98 -2.95 -11.52
C VAL A 343 -5.90 -2.54 -10.37
N GLY A 344 -6.73 -3.47 -9.89
CA GLY A 344 -7.58 -3.17 -8.76
C GLY A 344 -6.98 -3.52 -7.41
N THR A 345 -6.14 -4.56 -7.36
CA THR A 345 -5.66 -5.11 -6.09
C THR A 345 -4.25 -4.65 -5.72
N VAL A 346 -3.52 -4.03 -6.65
CA VAL A 346 -2.13 -3.65 -6.38
C VAL A 346 -2.04 -2.72 -5.17
N VAL A 347 -3.09 -1.93 -4.90
CA VAL A 347 -3.04 -1.01 -3.79
C VAL A 347 -3.00 -1.69 -2.43
N THR A 348 -3.19 -3.01 -2.36
CA THR A 348 -3.04 -3.71 -1.08
C THR A 348 -1.58 -3.92 -0.69
N ALA A 349 -0.66 -3.88 -1.65
CA ALA A 349 0.75 -4.09 -1.36
C ALA A 349 1.28 -3.00 -0.43
N TYR A 350 1.88 -3.42 0.69
CA TYR A 350 2.51 -2.53 1.67
C TYR A 350 1.52 -1.57 2.32
N GLU A 351 0.24 -1.91 2.34
CA GLU A 351 -0.74 -1.09 3.05
C GLU A 351 -0.34 -0.94 4.52
N ASP A 352 -0.53 0.28 5.04
CA ASP A 352 -0.22 0.65 6.43
C ASP A 352 1.27 0.49 6.74
N CYS A 353 2.11 0.60 5.72
CA CYS A 353 3.56 0.62 5.88
C CYS A 353 4.17 1.91 5.34
N SER A 354 3.42 3.01 5.42
CA SER A 354 3.86 4.26 4.81
C SER A 354 5.12 4.82 5.46
N GLY A 355 5.40 4.46 6.72
CA GLY A 355 6.65 4.87 7.32
C GLY A 355 7.84 4.15 6.72
N LEU A 356 7.76 2.81 6.67
CA LEU A 356 8.83 2.04 6.05
C LEU A 356 9.02 2.40 4.58
N VAL A 357 7.92 2.62 3.87
CA VAL A 357 8.00 2.88 2.43
C VAL A 357 8.56 4.28 2.17
N SER A 358 8.18 5.27 2.98
CA SER A 358 8.79 6.59 2.86
C SER A 358 10.29 6.50 3.12
N PHE A 359 10.69 5.69 4.10
CA PHE A 359 12.09 5.55 4.43
C PHE A 359 12.87 4.92 3.28
N THR A 360 12.39 3.81 2.74
CA THR A 360 13.11 3.16 1.65
C THR A 360 13.14 4.06 0.40
N GLY A 361 12.01 4.70 0.09
CA GLY A 361 12.01 5.62 -1.04
C GLY A 361 12.90 6.83 -0.83
N PHE A 362 12.99 7.31 0.42
CA PHE A 362 13.89 8.42 0.74
C PHE A 362 15.33 8.03 0.52
N ILE A 363 15.73 6.84 0.99
CA ILE A 363 17.09 6.38 0.78
C ILE A 363 17.42 6.35 -0.71
N LYS A 364 16.48 5.88 -1.52
CA LYS A 364 16.71 5.82 -2.96
C LYS A 364 16.81 7.22 -3.57
N GLN A 365 16.00 8.17 -3.07
CA GLN A 365 16.00 9.51 -3.64
C GLN A 365 17.32 10.23 -3.40
N ILE A 366 17.92 10.06 -2.22
CA ILE A 366 19.22 10.68 -1.95
C ILE A 366 20.37 9.82 -2.41
N ASN A 367 20.09 8.66 -3.02
CA ASN A 367 21.11 7.82 -3.64
C ASN A 367 22.25 7.51 -2.66
N LEU A 368 21.87 7.01 -1.48
CA LEU A 368 22.82 6.55 -0.49
C LEU A 368 22.47 5.12 -0.11
N THR A 369 23.45 4.41 0.41
CA THR A 369 23.18 3.14 1.06
C THR A 369 22.37 3.40 2.33
N ALA A 370 21.65 2.36 2.78
CA ALA A 370 20.88 2.49 4.01
C ALA A 370 21.80 2.74 5.20
N ARG A 371 22.97 2.10 5.20
CA ARG A 371 23.95 2.35 6.26
C ARG A 371 24.36 3.81 6.31
N GLU A 372 24.62 4.41 5.14
CA GLU A 372 25.04 5.81 5.10
C GLU A 372 23.89 6.77 5.36
N ALA A 373 22.71 6.46 4.80
CA ALA A 373 21.57 7.37 4.98
C ALA A 373 21.15 7.46 6.44
N ILE A 374 21.27 6.35 7.18
CA ILE A 374 20.88 6.34 8.58
C ILE A 374 21.70 7.33 9.39
N LEU A 375 22.94 7.58 8.97
CA LEU A 375 23.79 8.51 9.71
C LEU A 375 23.22 9.92 9.74
N TYR A 376 22.42 10.30 8.72
CA TYR A 376 21.80 11.60 8.71
C TYR A 376 20.63 11.70 9.67
N PHE A 377 20.09 10.56 10.11
CA PHE A 377 19.02 10.53 11.11
C PHE A 377 19.64 10.58 12.51
N PHE A 378 20.12 11.77 12.87
CA PHE A 378 20.88 11.92 14.11
C PHE A 378 20.09 12.65 15.19
N HIS A 379 18.77 12.77 15.04
CA HIS A 379 17.92 13.16 16.16
C HIS A 379 17.72 11.95 17.08
N LYS A 380 17.68 12.21 18.38
CA LYS A 380 17.76 11.12 19.35
C LYS A 380 16.60 10.13 19.21
N ASN A 381 15.42 10.59 18.81
CA ASN A 381 14.24 9.73 18.76
C ASN A 381 14.21 8.83 17.53
N PHE A 382 15.11 9.03 16.56
CA PHE A 382 15.10 8.21 15.36
C PHE A 382 15.46 6.76 15.66
N GLU A 383 16.40 6.54 16.58
CA GLU A 383 16.96 5.21 16.76
C GLU A 383 15.87 4.17 17.04
N GLU A 384 15.01 4.45 18.02
CA GLU A 384 13.93 3.50 18.34
C GLU A 384 13.09 3.20 17.11
N GLU A 385 12.74 4.23 16.33
CA GLU A 385 11.88 4.02 15.18
C GLU A 385 12.59 3.22 14.09
N ILE A 386 13.90 3.39 13.95
CA ILE A 386 14.61 2.67 12.89
C ILE A 386 14.74 1.19 13.27
N ARG A 387 15.04 0.90 14.53
CA ARG A 387 15.08 -0.49 14.99
C ARG A 387 13.70 -1.13 14.90
N ARG A 388 12.65 -0.34 15.11
CA ARG A 388 11.29 -0.88 14.98
C ARG A 388 11.03 -1.38 13.57
N MET A 389 11.57 -0.70 12.56
CA MET A 389 11.28 -1.05 11.17
C MET A 389 12.08 -2.25 10.71
N PHE A 390 13.24 -2.52 11.31
CA PHE A 390 14.10 -3.63 10.91
C PHE A 390 14.15 -4.74 11.97
N GLU A 391 13.08 -4.87 12.76
CA GLU A 391 12.92 -6.01 13.64
C GLU A 391 13.12 -7.31 12.87
N PRO A 392 13.94 -8.23 13.35
CA PRO A 392 14.16 -9.49 12.63
C PRO A 392 12.92 -10.37 12.57
N GLY A 393 12.94 -11.29 11.61
CA GLY A 393 11.94 -12.34 11.52
C GLY A 393 10.68 -11.98 10.76
N GLN A 394 10.63 -10.81 10.15
CA GLN A 394 9.41 -10.33 9.53
C GLN A 394 9.39 -10.50 8.01
N GLU A 395 10.51 -10.94 7.42
CA GLU A 395 10.60 -11.24 5.99
C GLU A 395 10.41 -10.01 5.11
N THR A 396 10.84 -8.84 5.61
CA THR A 396 10.79 -7.61 4.83
C THR A 396 11.69 -7.65 3.60
N ALA A 397 12.63 -8.59 3.54
CA ALA A 397 13.55 -8.71 2.42
C ALA A 397 13.32 -9.98 1.61
N VAL A 398 12.21 -10.66 1.81
CA VAL A 398 11.92 -11.94 1.17
C VAL A 398 10.88 -11.69 0.07
N PRO A 399 11.17 -12.03 -1.19
CA PRO A 399 10.17 -11.82 -2.24
C PRO A 399 8.93 -12.68 -1.99
N HIS A 400 7.78 -12.12 -2.33
CA HIS A 400 6.51 -12.85 -2.30
C HIS A 400 6.10 -13.29 -0.91
N SER A 401 6.68 -12.68 0.13
CA SER A 401 6.30 -13.00 1.49
C SER A 401 4.91 -12.49 1.81
N TYR A 402 4.24 -13.19 2.73
CA TYR A 402 3.00 -12.67 3.30
C TYR A 402 3.17 -11.24 3.80
N PHE A 403 4.39 -10.85 4.19
CA PHE A 403 4.63 -9.52 4.74
C PHE A 403 4.11 -8.42 3.81
N ILE A 404 4.24 -8.62 2.50
CA ILE A 404 3.89 -7.57 1.56
C ILE A 404 2.40 -7.27 1.58
N HIS A 405 1.57 -8.22 2.00
CA HIS A 405 0.13 -8.01 2.08
C HIS A 405 -0.40 -8.23 3.50
N PHE A 406 0.43 -7.94 4.51
CA PHE A 406 0.07 -8.41 5.86
C PHE A 406 -1.14 -7.66 6.40
N ARG A 407 -1.27 -6.37 6.10
CA ARG A 407 -2.39 -5.61 6.63
C ARG A 407 -3.71 -6.08 6.01
N SER A 408 -3.74 -6.22 4.69
CA SER A 408 -4.98 -6.67 4.04
C SER A 408 -5.33 -8.09 4.43
N LEU A 409 -4.35 -8.93 4.76
CA LEU A 409 -4.62 -10.31 5.12
C LEU A 409 -4.87 -10.50 6.61
N GLY A 410 -4.89 -9.42 7.40
CA GLY A 410 -5.24 -9.55 8.80
C GLY A 410 -4.14 -10.05 9.71
N LEU A 411 -2.87 -9.99 9.29
CA LEU A 411 -1.79 -10.48 10.14
C LEU A 411 -1.48 -9.56 11.30
N SER A 412 -1.85 -8.29 11.21
CA SER A 412 -1.65 -7.34 12.29
C SER A 412 -2.68 -6.22 12.18
N GLY A 413 -3.17 -5.76 13.32
CA GLY A 413 -4.06 -4.61 13.37
C GLY A 413 -3.37 -3.30 13.71
N LYS A 414 -2.16 -3.37 14.27
CA LYS A 414 -1.40 -2.18 14.68
C LYS A 414 -0.01 -2.27 14.05
N SER A 415 0.15 -1.68 12.88
CA SER A 415 1.39 -1.85 12.13
C SER A 415 2.54 -1.12 12.81
N PRO A 416 3.70 -1.77 12.98
CA PRO A 416 4.90 -1.05 13.44
C PRO A 416 5.59 -0.25 12.36
N TYR A 417 5.04 -0.25 11.14
CA TYR A 417 5.65 0.35 9.97
C TYR A 417 4.88 1.55 9.46
N SER A 418 3.81 1.94 10.15
CA SER A 418 2.97 3.04 9.70
C SER A 418 3.67 4.38 9.93
N SER A 419 3.10 5.42 9.33
CA SER A 419 3.65 6.75 9.52
C SER A 419 3.60 7.14 11.00
N ASN A 420 2.50 6.80 11.68
CA ASN A 420 2.42 7.08 13.12
C ASN A 420 3.44 6.25 13.90
N ALA A 421 3.62 4.99 13.53
CA ALA A 421 4.56 4.13 14.25
C ALA A 421 5.98 4.68 14.21
N VAL A 422 6.37 5.34 13.12
CA VAL A 422 7.69 5.95 13.03
C VAL A 422 7.53 7.42 12.65
N GLY A 423 6.80 8.16 13.48
CA GLY A 423 6.38 9.51 13.11
C GLY A 423 7.52 10.48 12.95
N HIS A 424 8.56 10.35 13.79
CA HIS A 424 9.70 11.25 13.67
C HIS A 424 10.41 11.06 12.32
N VAL A 425 10.73 9.81 11.99
CA VAL A 425 11.31 9.51 10.68
C VAL A 425 10.41 10.03 9.56
N PHE A 426 9.11 9.72 9.66
CA PHE A 426 8.16 10.11 8.63
C PHE A 426 8.08 11.63 8.50
N ASN A 427 7.92 12.33 9.62
CA ASN A 427 7.89 13.79 9.59
C ASN A 427 9.14 14.35 8.93
N LEU A 428 10.31 13.85 9.32
CA LEU A 428 11.57 14.36 8.78
C LEU A 428 11.62 14.19 7.27
N ILE A 429 11.29 13.00 6.78
CA ILE A 429 11.40 12.71 5.35
C ILE A 429 10.55 13.66 4.54
N HIS A 430 9.36 13.99 5.04
CA HIS A 430 8.42 14.79 4.27
C HIS A 430 8.62 16.28 4.48
N PHE A 431 9.31 16.71 5.54
CA PHE A 431 9.78 18.09 5.58
C PHE A 431 10.89 18.30 4.56
N VAL A 432 11.79 17.32 4.43
CA VAL A 432 12.79 17.38 3.37
C VAL A 432 12.10 17.44 2.01
N GLY A 433 11.12 16.57 1.80
CA GLY A 433 10.36 16.62 0.56
C GLY A 433 9.72 17.97 0.32
N CYS A 434 9.16 18.58 1.36
CA CYS A 434 8.63 19.93 1.25
C CYS A 434 9.70 20.90 0.77
N TYR A 435 10.84 20.91 1.46
CA TYR A 435 11.96 21.77 1.07
C TYR A 435 12.34 21.55 -0.38
N MET A 436 12.24 20.31 -0.86
CA MET A 436 12.51 19.99 -2.26
C MET A 436 11.34 20.34 -3.17
N GLY A 437 10.19 20.72 -2.63
CA GLY A 437 9.06 21.08 -3.45
C GLY A 437 8.32 19.90 -4.03
N GLN A 438 8.23 18.79 -3.30
CA GLN A 438 7.52 17.61 -3.77
C GLN A 438 6.09 17.64 -3.26
N ILE A 439 5.13 17.64 -4.19
CA ILE A 439 3.72 17.79 -3.81
C ILE A 439 3.29 16.68 -2.89
N ARG A 440 3.80 15.46 -3.11
CA ARG A 440 3.39 14.33 -2.27
C ARG A 440 3.69 14.60 -0.80
N SER A 441 4.81 15.27 -0.51
CA SER A 441 5.13 15.57 0.88
C SER A 441 4.31 16.75 1.39
N LEU A 442 4.13 17.78 0.56
CA LEU A 442 3.36 18.94 0.98
C LEU A 442 1.95 18.56 1.40
N ASN A 443 1.35 17.57 0.75
CA ASN A 443 0.00 17.14 1.06
C ASN A 443 -0.05 15.98 2.06
N ALA A 444 1.08 15.39 2.42
CA ALA A 444 1.08 14.34 3.43
C ALA A 444 0.63 14.92 4.77
N THR A 445 0.17 14.04 5.64
CA THR A 445 -0.34 14.43 6.95
C THR A 445 0.76 14.37 8.00
N VAL A 446 0.92 15.45 8.75
CA VAL A 446 1.94 15.50 9.79
C VAL A 446 1.53 14.63 10.97
N ILE A 447 2.52 13.99 11.60
CA ILE A 447 2.32 13.28 12.85
C ILE A 447 2.55 14.30 13.96
N SER A 448 1.45 14.88 14.46
CA SER A 448 1.56 15.99 15.41
C SER A 448 2.32 15.60 16.68
N THR A 449 2.28 14.33 17.07
CA THR A 449 2.86 13.89 18.31
C THR A 449 4.33 13.52 18.19
N CYS A 450 4.97 13.79 17.05
CA CYS A 450 6.36 13.43 16.86
C CYS A 450 7.21 14.64 16.51
N ALA A 451 7.19 15.64 17.38
CA ALA A 451 8.10 16.77 17.33
C ALA A 451 8.21 17.38 15.93
N PRO A 452 7.10 17.78 15.32
CA PRO A 452 7.17 18.32 13.95
C PRO A 452 7.99 19.60 13.85
N HIS A 453 8.19 20.33 14.96
CA HIS A 453 9.01 21.53 14.89
C HIS A 453 10.50 21.17 14.77
N GLU A 454 10.97 20.21 15.57
CA GLU A 454 12.37 19.80 15.44
C GLU A 454 12.62 19.07 14.12
N MET A 455 11.64 18.29 13.64
CA MET A 455 11.81 17.62 12.35
C MET A 455 11.88 18.63 11.22
N SER A 456 11.12 19.72 11.32
CA SER A 456 11.19 20.74 10.27
C SER A 456 12.54 21.46 10.29
N VAL A 457 13.15 21.61 11.46
CA VAL A 457 14.48 22.22 11.54
C VAL A 457 15.51 21.32 10.86
N LEU A 458 15.56 20.05 11.26
CA LEU A 458 16.49 19.12 10.61
C LEU A 458 16.15 18.95 9.13
N GLY A 459 14.86 19.00 8.78
CA GLY A 459 14.49 18.90 7.38
C GLY A 459 15.03 20.05 6.54
N GLY A 460 15.05 21.25 7.11
CA GLY A 460 15.61 22.38 6.39
C GLY A 460 17.09 22.22 6.10
N TYR A 461 17.84 21.73 7.10
CA TYR A 461 19.28 21.53 6.90
C TYR A 461 19.54 20.38 5.94
N LEU A 462 18.76 19.31 6.03
CA LEU A 462 18.94 18.20 5.09
C LEU A 462 18.46 18.60 3.70
N GLY A 463 17.33 19.30 3.61
CA GLY A 463 16.89 19.81 2.33
C GLY A 463 17.95 20.66 1.65
N GLU A 464 18.53 21.59 2.42
CA GLU A 464 19.62 22.40 1.88
C GLU A 464 20.79 21.52 1.48
N GLU A 465 21.07 20.47 2.26
CA GLU A 465 22.20 19.59 1.97
C GLU A 465 22.02 18.87 0.64
N PHE A 466 20.79 18.40 0.36
CA PHE A 466 20.53 17.58 -0.82
C PHE A 466 19.92 18.35 -1.98
N PHE A 467 19.70 19.66 -1.85
CA PHE A 467 19.03 20.39 -2.91
C PHE A 467 19.87 20.41 -4.18
N GLY A 468 19.27 20.02 -5.30
CA GLY A 468 19.98 19.97 -6.56
C GLY A 468 20.97 18.83 -6.67
N LYS A 469 20.73 17.74 -5.94
CA LYS A 469 21.65 16.59 -5.92
C LYS A 469 23.05 17.01 -5.48
N ARG A 517 29.32 15.45 0.46
CA ARG A 517 29.15 16.04 1.79
C ARG A 517 28.68 14.97 2.76
N SER A 518 28.94 15.17 4.05
CA SER A 518 28.82 14.13 5.05
C SER A 518 27.75 14.46 6.09
N PRO A 519 27.27 13.45 6.83
CA PRO A 519 26.35 13.73 7.94
C PRO A 519 26.96 14.63 9.00
N GLU A 520 28.25 14.48 9.27
CA GLU A 520 28.89 15.25 10.34
C GLU A 520 28.85 16.74 10.03
N ALA A 521 29.03 17.10 8.76
CA ALA A 521 28.95 18.51 8.38
C ALA A 521 27.59 19.10 8.70
N VAL A 522 26.52 18.37 8.35
CA VAL A 522 25.17 18.84 8.64
C VAL A 522 24.99 19.02 10.14
N TYR A 523 25.33 17.99 10.92
CA TYR A 523 25.27 18.09 12.38
C TYR A 523 26.03 19.33 12.86
N THR A 524 27.21 19.58 12.30
CA THR A 524 27.99 20.74 12.69
C THR A 524 27.23 22.04 12.42
N ARG A 525 26.62 22.16 11.23
CA ARG A 525 25.93 23.40 10.88
C ARG A 525 24.76 23.67 11.81
N ILE A 526 23.97 22.64 12.13
N ILE A 526 23.96 22.64 12.11
CA ILE A 526 22.81 22.84 12.99
CA ILE A 526 22.82 22.82 13.00
C ILE A 526 23.26 23.25 14.39
C ILE A 526 23.29 23.30 14.37
N MET A 527 24.31 22.65 14.91
CA MET A 527 24.81 23.02 16.23
C MET A 527 25.37 24.45 16.22
N MET A 528 26.04 24.83 15.13
CA MET A 528 26.59 26.18 15.05
C MET A 528 25.50 27.24 15.06
N ASN A 529 24.29 26.90 14.61
CA ASN A 529 23.16 27.81 14.63
C ASN A 529 22.25 27.58 15.82
N GLY A 530 22.74 26.90 16.85
CA GLY A 530 21.95 26.68 18.05
C GLY A 530 20.69 25.89 17.83
N GLY A 531 20.68 24.98 16.84
CA GLY A 531 19.51 24.17 16.60
C GLY A 531 18.35 24.92 15.99
N ARG A 532 18.60 26.08 15.40
CA ARG A 532 17.58 26.93 14.82
C ARG A 532 17.75 26.98 13.30
N LEU A 533 16.64 27.17 12.59
CA LEU A 533 16.70 27.32 11.14
C LEU A 533 17.32 28.66 10.76
N LYS A 534 18.06 28.65 9.66
CA LYS A 534 18.57 29.89 9.09
C LYS A 534 17.47 30.61 8.32
N ARG A 535 17.65 31.92 8.13
CA ARG A 535 16.65 32.71 7.41
C ARG A 535 16.46 32.20 6.00
N SER A 536 17.53 31.72 5.36
CA SER A 536 17.38 31.13 4.03
C SER A 536 16.46 29.92 4.06
N HIS A 537 16.66 29.03 5.05
CA HIS A 537 15.78 27.87 5.18
C HIS A 537 14.32 28.31 5.27
N ILE A 538 14.04 29.25 6.18
CA ILE A 538 12.66 29.68 6.40
C ILE A 538 12.07 30.27 5.12
N ARG A 539 12.87 31.11 4.44
CA ARG A 539 12.40 31.70 3.18
C ARG A 539 12.04 30.61 2.18
N ARG A 540 12.90 29.60 2.02
CA ARG A 540 12.59 28.49 1.13
C ARG A 540 11.31 27.78 1.59
N TYR A 541 11.22 27.45 2.88
CA TYR A 541 10.03 26.78 3.39
C TYR A 541 8.78 27.57 3.07
N ILE A 542 8.80 28.87 3.35
CA ILE A 542 7.66 29.72 3.05
C ILE A 542 7.40 29.77 1.55
N SER A 543 8.47 29.92 0.76
CA SER A 543 8.31 29.95 -0.69
C SER A 543 7.55 28.74 -1.20
N VAL A 544 7.82 27.56 -0.63
CA VAL A 544 7.18 26.36 -1.12
C VAL A 544 5.76 26.23 -0.58
N SER A 545 5.51 26.68 0.63
CA SER A 545 4.22 26.44 1.28
C SER A 545 3.21 27.55 0.99
N SER A 546 3.60 28.80 1.19
CA SER A 546 2.69 29.90 0.90
C SER A 546 2.24 29.87 -0.56
N ASN A 547 3.05 29.27 -1.42
CA ASN A 547 2.73 29.09 -2.84
C ASN A 547 2.06 27.74 -3.11
N HIS A 548 1.35 27.18 -2.13
CA HIS A 548 0.70 25.89 -2.30
C HIS A 548 -0.66 25.92 -1.59
N GLN A 549 -1.54 25.02 -2.02
CA GLN A 549 -2.87 24.88 -1.43
C GLN A 549 -2.76 23.95 -0.22
N SER A 550 -2.27 24.52 0.89
CA SER A 550 -2.04 23.74 2.11
C SER A 550 -3.31 23.05 2.55
N ARG A 551 -3.29 21.71 2.59
CA ARG A 551 -4.41 20.91 3.08
C ARG A 551 -4.44 20.93 4.61
N PRO A 552 -5.59 20.58 5.21
CA PRO A 552 -5.65 20.55 6.68
C PRO A 552 -4.80 19.43 7.25
N ASN A 553 -3.99 19.78 8.27
CA ASN A 553 -3.07 18.86 8.94
C ASN A 553 -1.90 18.44 8.05
N SER A 554 -1.74 19.06 6.89
CA SER A 554 -0.67 18.68 5.99
C SER A 554 0.65 19.31 6.43
N PHE A 555 1.73 18.86 5.79
CA PHE A 555 3.03 19.48 6.05
C PHE A 555 3.06 20.92 5.57
N ALA A 556 2.39 21.20 4.44
CA ALA A 556 2.36 22.55 3.91
C ALA A 556 1.64 23.50 4.87
N GLU A 557 0.50 23.06 5.41
CA GLU A 557 -0.19 23.87 6.41
C GLU A 557 0.69 24.11 7.63
N PHE A 558 1.37 23.07 8.11
CA PHE A 558 2.26 23.25 9.25
C PHE A 558 3.29 24.34 8.98
N LEU A 559 3.89 24.32 7.79
CA LEU A 559 4.90 25.32 7.46
C LEU A 559 4.30 26.72 7.42
N ASN A 560 3.11 26.86 6.83
CA ASN A 560 2.49 28.18 6.75
C ASN A 560 2.19 28.75 8.12
N LYS A 561 1.70 27.91 9.05
CA LYS A 561 1.38 28.40 10.39
C LYS A 561 2.63 28.65 11.23
N THR A 562 3.68 27.86 11.00
CA THR A 562 4.89 27.92 11.82
C THR A 562 5.89 28.94 11.30
N TYR A 563 6.04 29.04 9.98
CA TYR A 563 7.01 29.93 9.35
C TYR A 563 6.27 30.84 8.39
N SER A 564 6.31 32.14 8.65
CA SER A 564 5.64 33.11 7.79
C SER A 564 6.03 34.52 8.20
C1 PEG B . -8.71 -10.80 8.54
O1 PEG B . -9.65 -11.67 9.14
C2 PEG B . -9.37 -9.80 7.64
O2 PEG B . -9.00 -8.48 8.05
C3 PEG B . -8.68 -7.61 6.98
C4 PEG B . -7.96 -6.41 7.53
O4 PEG B . -8.77 -5.24 7.50
H11 PEG B . -8.07 -11.33 8.02
H12 PEG B . -8.22 -10.33 9.25
HO1 PEG B . -9.63 -12.47 8.84
H21 PEG B . -10.33 -9.89 7.70
H22 PEG B . -9.07 -9.95 6.73
H31 PEG B . -9.49 -7.33 6.53
H32 PEG B . -8.10 -8.06 6.35
H41 PEG B . -7.17 -6.25 7.01
H42 PEG B . -7.71 -6.58 8.45
HO4 PEG B . -9.28 -5.18 6.82
#